data_3AAD
#
_entry.id   3AAD
#
_cell.length_a   102.120
_cell.length_b   102.120
_cell.length_c   271.920
_cell.angle_alpha   90.00
_cell.angle_beta   90.00
_cell.angle_gamma   120.00
#
_symmetry.space_group_name_H-M   'P 61 2 2'
#
loop_
_entity.id
_entity.type
_entity.pdbx_description
1 polymer 'Transcription initiation factor TFIID subunit 1'
2 polymer 'Histone chaperone ASF1A'
3 non-polymer 'SULFATE ION'
#
loop_
_entity_poly.entity_id
_entity_poly.type
_entity_poly.pdbx_seq_one_letter_code
_entity_poly.pdbx_strand_id
1 'polypeptide(L)'
;GSHMVLKFPKQQLPPKKKRRVGTTVHCDYLNRPHKSIHRRRTDPMVTLSSILESIINDMRDLPNTYPFHTPVNAKVVKDY
YKIITRPMDLQTLRENVRKRLYPSREEFREHLELIVKNSATYNGPKHSLTQISQSMLDLCDEKLKEKEDKLARLEKAINP
LLDDDDQVAFSFILDNIVTQKMMAVPDSWPFHHPVNKKFVPDYYKVIVNPMDLETIRKNISKHKYQSRESFLDDVNLILA
NSVKYNGPESQYTKTAQEIVNVCYQTLTEYDEHLTQLEKDICTAKEAALEEA
;
A
2 'polypeptide(L)'
;GSHMAKVQVNNVVVLDNPSPFYNPFQFEITFECIEDLSEDLEWKIIYVGSAESEEYDQVLDSVLVGPVPAGRHMFVFQAD
APNPGLIPDADAVGVTVVLITCTYRGQEFIRVGYYVNNEYTETELRENPPVKPDFSKLQRNILASNPRVTRFHINWED
;
B,D
#
loop_
_chem_comp.id
_chem_comp.type
_chem_comp.name
_chem_comp.formula
SO4 non-polymer 'SULFATE ION' 'O4 S -2'
#
# COMPACT_ATOMS: atom_id res chain seq x y z
N LYS A 16 18.78 -30.72 -10.94
CA LYS A 16 17.77 -29.92 -10.18
C LYS A 16 16.64 -30.80 -9.66
N LYS A 17 16.17 -30.47 -8.45
CA LYS A 17 15.10 -31.19 -7.74
C LYS A 17 13.74 -30.81 -8.30
N LYS A 18 12.71 -31.56 -7.89
CA LYS A 18 11.31 -31.16 -8.04
C LYS A 18 11.11 -30.08 -6.97
N ARG A 19 10.79 -28.87 -7.39
CA ARG A 19 10.66 -27.76 -6.45
C ARG A 19 9.32 -27.05 -6.65
N ARG A 20 8.44 -27.15 -5.65
CA ARG A 20 6.99 -26.91 -5.84
C ARG A 20 6.44 -25.51 -5.47
N VAL A 21 5.15 -25.26 -5.71
CA VAL A 21 4.46 -24.05 -5.26
C VAL A 21 4.26 -24.11 -3.73
N GLY A 22 3.64 -25.22 -3.29
CA GLY A 22 3.38 -25.50 -1.88
C GLY A 22 4.65 -25.51 -1.07
N THR A 23 4.51 -25.30 0.23
CA THR A 23 5.65 -25.37 1.14
C THR A 23 5.62 -26.72 1.82
N THR A 24 6.69 -27.04 2.54
CA THR A 24 6.81 -28.29 3.30
C THR A 24 6.84 -27.94 4.77
N VAL A 25 6.71 -26.66 5.05
CA VAL A 25 6.99 -26.14 6.34
C VAL A 25 5.68 -25.82 7.02
N HIS A 26 5.43 -26.47 8.15
CA HIS A 26 4.14 -26.30 8.82
C HIS A 26 4.16 -26.19 10.31
N CYS A 27 4.37 -24.96 10.78
CA CYS A 27 4.16 -24.61 12.17
C CYS A 27 2.70 -24.34 12.39
N ASP A 28 2.15 -24.82 13.49
CA ASP A 28 0.81 -24.41 13.94
C ASP A 28 0.62 -24.75 15.44
N TYR A 29 0.61 -23.70 16.26
CA TYR A 29 0.88 -23.82 17.69
C TYR A 29 -0.12 -23.06 18.51
N THR A 42 -0.36 -13.33 33.72
CA THR A 42 -0.74 -12.02 33.21
C THR A 42 -0.51 -11.93 31.71
N ASP A 43 -1.56 -12.14 30.91
CA ASP A 43 -1.48 -11.97 29.46
C ASP A 43 -0.79 -10.64 29.15
N PRO A 44 0.27 -10.67 28.33
CA PRO A 44 1.16 -9.52 28.21
C PRO A 44 0.47 -8.35 27.53
N MET A 45 -0.55 -8.62 26.73
CA MET A 45 -1.40 -7.58 26.16
C MET A 45 -2.10 -6.75 27.26
N VAL A 46 -2.60 -7.40 28.30
CA VAL A 46 -3.36 -6.72 29.38
C VAL A 46 -2.49 -5.76 30.19
N THR A 47 -1.19 -6.03 30.28
CA THR A 47 -0.25 -5.10 30.90
C THR A 47 -0.14 -3.81 30.06
N LEU A 48 -0.12 -3.99 28.73
CA LEU A 48 -0.08 -2.90 27.75
C LEU A 48 -1.45 -2.24 27.53
N SER A 49 -2.48 -3.06 27.26
CA SER A 49 -3.87 -2.62 27.20
C SER A 49 -4.08 -1.58 28.28
N SER A 50 -3.79 -1.99 29.52
CA SER A 50 -3.76 -1.10 30.64
C SER A 50 -2.98 0.17 30.34
N ILE A 51 -1.67 0.04 30.13
CA ILE A 51 -0.79 1.19 30.05
C ILE A 51 -1.32 2.23 29.06
N LEU A 52 -1.93 1.75 27.99
CA LEU A 52 -2.51 2.63 26.97
C LEU A 52 -3.65 3.45 27.55
N GLU A 53 -4.54 2.79 28.28
CA GLU A 53 -5.65 3.49 28.95
C GLU A 53 -5.10 4.51 29.92
N SER A 54 -4.07 4.12 30.68
CA SER A 54 -3.35 5.04 31.54
C SER A 54 -2.66 6.13 30.71
N ILE A 55 -2.42 5.86 29.43
CA ILE A 55 -1.96 6.90 28.51
C ILE A 55 -3.12 7.73 27.94
N ILE A 56 -4.30 7.13 27.81
CA ILE A 56 -5.46 7.88 27.33
C ILE A 56 -6.02 8.82 28.41
N ASN A 57 -5.99 8.37 29.66
CA ASN A 57 -6.35 9.21 30.81
C ASN A 57 -5.75 10.61 30.71
N ASP A 58 -4.47 10.66 30.39
CA ASP A 58 -3.69 11.89 30.33
C ASP A 58 -4.16 12.82 29.21
N MET A 59 -4.51 12.23 28.06
CA MET A 59 -5.03 12.99 26.93
C MET A 59 -6.36 13.71 27.24
N ARG A 60 -7.36 12.96 27.76
CA ARG A 60 -8.62 13.56 28.20
C ARG A 60 -8.42 14.53 29.39
N ASP A 61 -7.19 14.57 29.92
CA ASP A 61 -6.90 15.49 31.01
C ASP A 61 -5.88 16.55 30.59
N LEU A 62 -6.26 17.38 29.61
CA LEU A 62 -5.35 18.38 29.00
C LEU A 62 -6.14 19.54 28.37
N PRO A 63 -5.67 20.80 28.60
CA PRO A 63 -6.27 22.01 28.06
C PRO A 63 -7.00 21.85 26.71
N ASN A 64 -8.29 22.16 26.74
CA ASN A 64 -9.14 22.27 25.53
C ASN A 64 -9.18 21.03 24.63
N THR A 65 -9.01 19.83 25.21
CA THR A 65 -9.02 18.59 24.41
C THR A 65 -10.38 17.92 24.20
N TYR A 66 -11.43 18.50 24.75
CA TYR A 66 -12.79 17.95 24.65
C TYR A 66 -13.31 17.76 23.21
N PRO A 67 -12.90 18.62 22.26
CA PRO A 67 -13.53 18.56 20.96
C PRO A 67 -13.48 17.17 20.40
N PHE A 68 -12.40 16.47 20.73
CA PHE A 68 -12.06 15.14 20.19
C PHE A 68 -12.49 13.99 21.12
N HIS A 69 -13.05 14.32 22.29
CA HIS A 69 -13.42 13.35 23.33
C HIS A 69 -14.41 12.25 22.93
N THR A 70 -15.23 12.52 21.90
CA THR A 70 -16.30 11.61 21.48
C THR A 70 -16.41 11.52 19.95
N PRO A 71 -17.09 10.47 19.44
CA PRO A 71 -17.49 10.51 18.05
C PRO A 71 -18.10 11.86 17.74
N VAL A 72 -17.64 12.46 16.66
CA VAL A 72 -18.06 13.79 16.26
C VAL A 72 -19.58 13.86 16.07
N ASN A 73 -20.20 14.87 16.69
CA ASN A 73 -21.61 15.19 16.46
C ASN A 73 -21.94 15.26 14.97
N ALA A 74 -22.84 14.36 14.54
CA ALA A 74 -23.32 14.33 13.16
C ALA A 74 -24.28 15.49 12.86
N LYS A 75 -24.73 16.13 13.95
CA LYS A 75 -25.82 17.10 13.94
C LYS A 75 -25.31 18.55 14.05
N VAL A 76 -24.23 18.74 14.81
CA VAL A 76 -23.61 20.06 15.04
C VAL A 76 -22.63 20.45 13.93
N VAL A 77 -21.82 19.48 13.52
CA VAL A 77 -20.72 19.67 12.56
C VAL A 77 -21.17 19.21 11.14
N LYS A 78 -22.41 19.60 10.79
CA LYS A 78 -23.22 19.00 9.72
C LYS A 78 -22.55 18.19 8.59
N ASP A 79 -21.52 18.71 7.94
CA ASP A 79 -20.94 17.95 6.82
C ASP A 79 -19.63 17.21 7.09
N TYR A 80 -19.27 17.07 8.37
CA TYR A 80 -18.00 16.46 8.76
C TYR A 80 -17.79 15.03 8.29
N TYR A 81 -18.81 14.19 8.43
CA TYR A 81 -18.65 12.78 8.06
C TYR A 81 -18.57 12.52 6.54
N LYS A 82 -18.72 13.58 5.75
CA LYS A 82 -18.53 13.47 4.31
C LYS A 82 -17.09 13.81 3.91
N ILE A 83 -16.44 14.67 4.71
CA ILE A 83 -15.05 15.01 4.48
C ILE A 83 -14.07 14.11 5.27
N ILE A 84 -14.62 13.15 6.01
CA ILE A 84 -13.79 12.25 6.83
C ILE A 84 -14.09 10.74 6.63
N THR A 85 -13.20 10.06 5.92
CA THR A 85 -13.39 8.67 5.52
C THR A 85 -13.22 7.74 6.72
N ARG A 86 -12.19 8.00 7.51
CA ARG A 86 -11.90 7.21 8.70
C ARG A 86 -11.83 8.14 9.92
N PRO A 87 -12.93 8.22 10.69
CA PRO A 87 -13.03 9.10 11.84
C PRO A 87 -12.46 8.44 13.08
N MET A 88 -11.95 9.23 14.03
CA MET A 88 -11.35 8.69 15.26
C MET A 88 -11.39 9.68 16.41
N ASP A 89 -11.64 9.14 17.59
CA ASP A 89 -11.94 9.91 18.78
C ASP A 89 -11.56 9.10 20.01
N LEU A 90 -11.18 9.82 21.07
CA LEU A 90 -10.60 9.23 22.27
C LEU A 90 -11.47 8.13 22.89
N GLN A 91 -12.76 8.16 22.56
CA GLN A 91 -13.75 7.17 23.03
C GLN A 91 -13.65 5.87 22.25
N THR A 92 -13.67 5.97 20.93
CA THR A 92 -13.51 4.79 20.09
C THR A 92 -12.13 4.22 20.35
N LEU A 93 -11.22 5.09 20.79
CA LEU A 93 -9.89 4.68 21.17
C LEU A 93 -9.91 3.87 22.47
N ARG A 94 -10.60 4.37 23.51
CA ARG A 94 -10.85 3.61 24.76
C ARG A 94 -11.33 2.22 24.34
N GLU A 95 -12.45 2.18 23.59
CA GLU A 95 -13.14 0.93 23.33
C GLU A 95 -12.40 -0.03 22.39
N ASN A 96 -11.54 0.53 21.53
CA ASN A 96 -10.65 -0.27 20.68
C ASN A 96 -9.52 -0.95 21.44
N VAL A 97 -9.10 -0.34 22.55
CA VAL A 97 -8.11 -0.95 23.44
C VAL A 97 -8.76 -2.09 24.20
N ARG A 98 -9.99 -1.87 24.67
CA ARG A 98 -10.69 -2.86 25.50
C ARG A 98 -11.17 -4.01 24.64
N LYS A 99 -11.38 -3.71 23.36
CA LYS A 99 -11.69 -4.73 22.36
C LYS A 99 -10.37 -5.39 21.95
N ARG A 100 -9.27 -4.81 22.43
CA ARG A 100 -7.91 -5.31 22.25
C ARG A 100 -7.51 -5.41 20.78
N LEU A 101 -7.51 -4.26 20.12
CA LEU A 101 -7.06 -4.22 18.75
C LEU A 101 -5.57 -3.93 18.63
N TYR A 102 -5.01 -3.24 19.62
CA TYR A 102 -3.68 -2.67 19.45
C TYR A 102 -2.55 -3.53 20.02
N PRO A 103 -1.89 -4.33 19.15
CA PRO A 103 -0.89 -5.36 19.51
C PRO A 103 0.41 -4.78 20.05
N SER A 104 0.57 -3.47 19.88
CA SER A 104 1.82 -2.78 20.20
C SER A 104 1.58 -1.28 20.35
N ARG A 105 2.59 -0.61 20.92
CA ARG A 105 2.59 0.84 21.06
C ARG A 105 2.34 1.49 19.72
N GLU A 106 2.93 0.92 18.68
CA GLU A 106 2.90 1.53 17.38
C GLU A 106 1.48 1.55 16.79
N GLU A 107 0.80 0.42 16.76
CA GLU A 107 -0.54 0.37 16.16
C GLU A 107 -1.43 1.46 16.74
N PHE A 108 -1.38 1.62 18.08
CA PHE A 108 -2.07 2.68 18.84
C PHE A 108 -1.68 4.08 18.37
N ARG A 109 -0.40 4.41 18.51
CA ARG A 109 0.14 5.71 18.13
C ARG A 109 -0.40 6.21 16.79
N GLU A 110 -0.50 5.32 15.82
CA GLU A 110 -0.96 5.64 14.49
C GLU A 110 -2.36 6.21 14.52
N HIS A 111 -3.23 5.61 15.30
CA HIS A 111 -4.60 6.10 15.42
C HIS A 111 -4.64 7.48 16.09
N LEU A 112 -3.64 7.79 16.90
CA LEU A 112 -3.46 9.13 17.45
C LEU A 112 -3.11 10.14 16.37
N GLU A 113 -2.24 9.73 15.45
CA GLU A 113 -1.90 10.51 14.26
C GLU A 113 -3.16 10.82 13.46
N LEU A 114 -4.01 9.81 13.33
CA LEU A 114 -5.27 9.93 12.64
C LEU A 114 -6.15 11.12 13.14
N ILE A 115 -6.07 11.45 14.42
CA ILE A 115 -6.81 12.57 14.99
C ILE A 115 -6.31 13.88 14.42
N VAL A 116 -5.00 14.06 14.54
CA VAL A 116 -4.33 15.23 13.99
C VAL A 116 -4.70 15.33 12.51
N LYS A 117 -4.44 14.25 11.77
CA LYS A 117 -4.72 14.16 10.34
C LYS A 117 -6.16 14.58 10.05
N ASN A 118 -7.12 13.87 10.62
CA ASN A 118 -8.53 14.16 10.43
C ASN A 118 -8.92 15.63 10.64
N SER A 119 -8.37 16.25 11.69
CA SER A 119 -8.73 17.63 12.03
C SER A 119 -8.12 18.60 11.02
N ALA A 120 -6.87 18.32 10.65
CA ALA A 120 -6.10 19.10 9.70
C ALA A 120 -6.81 19.24 8.35
N THR A 121 -7.66 18.27 8.05
CA THR A 121 -8.48 18.27 6.84
C THR A 121 -9.69 19.21 6.98
N TYR A 122 -10.50 19.01 8.03
CA TYR A 122 -11.74 19.75 8.22
C TYR A 122 -11.47 21.20 8.60
N ASN A 123 -10.51 21.38 9.51
CA ASN A 123 -10.24 22.68 10.13
C ASN A 123 -9.02 23.41 9.57
N GLY A 124 -8.11 22.66 8.95
CA GLY A 124 -6.90 23.26 8.40
C GLY A 124 -5.65 22.99 9.23
N PRO A 125 -4.50 22.82 8.58
CA PRO A 125 -3.22 22.48 9.21
C PRO A 125 -2.75 23.43 10.32
N LYS A 126 -2.52 24.70 9.97
CA LYS A 126 -1.98 25.66 10.93
C LYS A 126 -2.98 26.11 11.98
N HIS A 127 -4.24 25.72 11.81
CA HIS A 127 -5.34 26.11 12.71
C HIS A 127 -5.16 25.69 14.17
N SER A 128 -5.75 26.47 15.07
CA SER A 128 -5.70 26.23 16.52
C SER A 128 -5.97 24.79 16.91
N LEU A 129 -7.11 24.25 16.49
CA LEU A 129 -7.49 22.86 16.81
C LEU A 129 -6.48 21.80 16.36
N THR A 130 -6.06 21.90 15.10
CA THR A 130 -5.05 21.02 14.53
C THR A 130 -3.75 21.12 15.31
N GLN A 131 -3.42 22.33 15.75
CA GLN A 131 -2.21 22.56 16.53
C GLN A 131 -2.34 22.07 17.98
N ILE A 132 -3.57 21.92 18.48
CA ILE A 132 -3.76 21.49 19.87
C ILE A 132 -4.02 19.99 20.04
N SER A 133 -4.31 19.31 18.93
CA SER A 133 -4.35 17.85 18.93
C SER A 133 -2.95 17.29 18.77
N GLN A 134 -2.09 18.09 18.13
CA GLN A 134 -0.65 17.85 17.95
C GLN A 134 0.04 17.45 19.26
N SER A 135 -0.29 18.17 20.34
CA SER A 135 0.23 17.90 21.68
C SER A 135 -0.42 16.65 22.23
N MET A 136 -1.73 16.52 22.00
CA MET A 136 -2.47 15.34 22.44
C MET A 136 -1.86 14.10 21.83
N LEU A 137 -0.79 14.31 21.06
CA LEU A 137 0.03 13.24 20.50
C LEU A 137 1.49 13.42 20.94
N ASP A 138 1.91 14.67 21.10
CA ASP A 138 3.27 15.01 21.53
C ASP A 138 3.58 14.58 22.95
N LEU A 139 2.56 14.58 23.81
CA LEU A 139 2.74 14.12 25.18
C LEU A 139 2.78 12.61 25.19
N CYS A 140 2.11 12.02 24.21
CA CYS A 140 1.93 10.57 24.14
C CYS A 140 3.17 9.86 23.63
N ASP A 141 3.92 10.52 22.75
CA ASP A 141 5.16 9.97 22.23
C ASP A 141 6.36 10.48 23.01
N GLU A 142 6.10 11.38 23.94
CA GLU A 142 7.08 11.79 24.93
C GLU A 142 6.80 10.98 26.19
N LYS A 143 5.65 10.32 26.20
CA LYS A 143 5.28 9.38 27.24
C LYS A 143 5.93 8.03 26.93
N LEU A 144 5.98 7.68 25.64
CA LEU A 144 6.57 6.43 25.19
C LEU A 144 8.09 6.38 25.43
N LYS A 145 8.76 7.52 25.25
CA LYS A 145 10.22 7.59 25.42
C LYS A 145 10.65 7.44 26.88
N GLU A 146 9.70 7.64 27.82
CA GLU A 146 9.96 7.41 29.25
C GLU A 146 9.54 6.00 29.70
N LYS A 147 8.75 5.32 28.85
CA LYS A 147 8.28 3.97 29.16
C LYS A 147 8.94 2.90 28.28
N GLU A 148 9.98 3.30 27.55
CA GLU A 148 10.67 2.41 26.59
C GLU A 148 10.94 0.99 27.13
N ASP A 149 11.74 0.90 28.20
CA ASP A 149 12.30 -0.37 28.66
C ASP A 149 11.32 -1.55 28.88
N LYS A 150 10.04 -1.27 29.11
CA LYS A 150 9.06 -2.36 29.32
C LYS A 150 8.01 -2.45 28.22
N LEU A 151 7.84 -1.37 27.46
CA LEU A 151 7.05 -1.43 26.24
C LEU A 151 7.71 -2.44 25.29
N ALA A 152 8.96 -2.14 24.92
CA ALA A 152 9.80 -3.06 24.17
C ALA A 152 9.74 -4.47 24.76
N ARG A 153 9.81 -4.56 26.09
CA ARG A 153 9.72 -5.82 26.82
C ARG A 153 8.36 -6.47 26.57
N LEU A 154 7.30 -5.67 26.69
CA LEU A 154 5.94 -6.17 26.57
C LEU A 154 5.57 -6.70 25.19
N GLU A 155 5.63 -5.81 24.19
CA GLU A 155 5.19 -6.14 22.83
C GLU A 155 5.93 -7.31 22.21
N LYS A 156 7.10 -7.66 22.77
CA LYS A 156 7.88 -8.84 22.32
C LYS A 156 7.17 -10.14 22.69
N ALA A 157 6.69 -10.22 23.92
CA ALA A 157 5.93 -11.38 24.36
C ALA A 157 4.46 -11.24 23.94
N ILE A 158 4.26 -10.64 22.77
CA ILE A 158 2.93 -10.49 22.19
C ILE A 158 2.87 -11.08 20.76
N ASN A 159 3.59 -10.49 19.80
CA ASN A 159 3.62 -10.98 18.41
C ASN A 159 5.04 -11.33 17.95
N PRO A 160 5.66 -12.34 18.62
CA PRO A 160 7.09 -12.61 18.91
C PRO A 160 8.05 -12.49 17.74
N LEU A 161 7.57 -12.88 16.55
CA LEU A 161 8.25 -12.64 15.29
C LEU A 161 8.35 -11.15 14.99
N LEU A 162 8.28 -10.34 16.04
CA LEU A 162 8.32 -8.88 15.90
C LEU A 162 9.53 -8.44 15.08
N ASP A 163 10.69 -8.30 15.73
CA ASP A 163 11.86 -7.90 15.00
C ASP A 163 12.70 -9.13 14.68
N ASP A 164 12.02 -10.10 14.06
CA ASP A 164 12.65 -11.24 13.42
C ASP A 164 12.95 -10.86 11.96
N ASP A 165 14.21 -11.02 11.55
CA ASP A 165 14.67 -10.63 10.20
C ASP A 165 14.01 -11.45 9.05
N ASP A 166 13.80 -12.73 9.27
CA ASP A 166 13.17 -13.60 8.27
C ASP A 166 11.73 -13.22 7.95
N GLN A 167 11.06 -12.59 8.91
CA GLN A 167 9.70 -12.20 8.66
C GLN A 167 9.68 -10.96 7.76
N VAL A 168 10.56 -10.01 8.00
CA VAL A 168 10.59 -8.85 7.14
C VAL A 168 11.06 -9.22 5.77
N ALA A 169 12.07 -10.09 5.70
CA ALA A 169 12.54 -10.53 4.41
C ALA A 169 11.34 -11.09 3.68
N PHE A 170 10.79 -12.17 4.22
CA PHE A 170 9.68 -12.86 3.60
C PHE A 170 8.64 -11.89 3.07
N SER A 171 8.08 -11.06 3.96
CA SER A 171 7.05 -10.09 3.58
C SER A 171 7.50 -9.19 2.43
N PHE A 172 8.77 -8.82 2.40
CA PHE A 172 9.31 -7.98 1.34
C PHE A 172 9.10 -8.68 0.00
N ILE A 173 9.45 -9.96 -0.02
CA ILE A 173 9.28 -10.78 -1.20
C ILE A 173 7.82 -10.73 -1.64
N LEU A 174 6.94 -11.28 -0.81
CA LEU A 174 5.50 -11.34 -1.05
C LEU A 174 4.95 -10.06 -1.65
N ASP A 175 5.29 -8.92 -1.06
CA ASP A 175 4.85 -7.59 -1.55
C ASP A 175 5.41 -7.28 -2.94
N ASN A 176 6.61 -7.73 -3.25
CA ASN A 176 7.13 -7.59 -4.61
C ASN A 176 6.32 -8.44 -5.57
N ILE A 177 6.11 -9.70 -5.18
CA ILE A 177 5.38 -10.65 -6.00
C ILE A 177 4.04 -10.04 -6.40
N VAL A 178 3.44 -9.27 -5.51
CA VAL A 178 2.18 -8.65 -5.85
C VAL A 178 2.41 -7.47 -6.80
N THR A 179 2.99 -6.38 -6.27
CA THR A 179 3.20 -5.15 -7.03
C THR A 179 3.86 -5.39 -8.37
N GLN A 180 4.83 -6.30 -8.40
CA GLN A 180 5.67 -6.50 -9.59
C GLN A 180 5.16 -7.56 -10.55
N LYS A 181 4.46 -8.56 -10.03
CA LYS A 181 3.98 -9.64 -10.86
C LYS A 181 2.45 -9.67 -11.01
N MET A 182 1.77 -9.87 -9.89
CA MET A 182 0.32 -10.01 -9.91
C MET A 182 -0.29 -8.75 -10.51
N MET A 183 -0.29 -7.67 -9.73
CA MET A 183 -0.78 -6.34 -10.14
C MET A 183 -0.36 -5.84 -11.54
N ALA A 184 0.62 -6.52 -12.15
CA ALA A 184 1.14 -6.14 -13.44
C ALA A 184 0.48 -6.96 -14.58
N VAL A 185 -0.75 -7.41 -14.38
CA VAL A 185 -1.40 -8.30 -15.36
C VAL A 185 -2.49 -7.64 -16.21
N PRO A 186 -2.28 -7.60 -17.55
CA PRO A 186 -3.05 -6.80 -18.49
C PRO A 186 -4.33 -6.14 -17.96
N ASP A 187 -5.37 -6.89 -17.67
CA ASP A 187 -6.61 -6.24 -17.32
C ASP A 187 -7.03 -6.67 -15.95
N SER A 188 -6.11 -6.48 -15.01
CA SER A 188 -6.23 -6.96 -13.63
C SER A 188 -6.80 -5.96 -12.63
N TRP A 189 -6.89 -4.69 -13.05
CA TRP A 189 -7.37 -3.59 -12.21
C TRP A 189 -8.65 -3.91 -11.44
N PRO A 190 -9.54 -4.74 -12.01
CA PRO A 190 -10.72 -5.08 -11.19
C PRO A 190 -10.44 -6.11 -10.10
N PHE A 191 -9.16 -6.36 -9.83
CA PHE A 191 -8.76 -7.20 -8.70
C PHE A 191 -7.78 -6.42 -7.86
N HIS A 192 -7.46 -5.22 -8.33
CA HIS A 192 -6.58 -4.39 -7.55
C HIS A 192 -7.38 -4.03 -6.32
N HIS A 193 -8.61 -3.58 -6.54
CA HIS A 193 -9.38 -2.99 -5.46
C HIS A 193 -10.52 -3.94 -5.16
N PRO A 194 -11.05 -3.90 -3.91
CA PRO A 194 -12.31 -4.58 -3.60
C PRO A 194 -13.43 -4.27 -4.58
N VAL A 195 -14.29 -5.26 -4.77
CA VAL A 195 -15.50 -5.09 -5.54
C VAL A 195 -16.34 -4.10 -4.75
N ASN A 196 -16.98 -3.17 -5.42
CA ASN A 196 -17.77 -2.21 -4.68
C ASN A 196 -19.19 -2.73 -4.45
N LYS A 197 -19.51 -2.91 -3.16
CA LYS A 197 -20.83 -3.31 -2.67
C LYS A 197 -21.97 -2.43 -3.23
N LYS A 198 -21.77 -1.10 -3.16
CA LYS A 198 -22.75 -0.13 -3.65
C LYS A 198 -22.93 -0.16 -5.16
N PHE A 199 -21.96 -0.75 -5.87
CA PHE A 199 -22.00 -0.82 -7.34
C PHE A 199 -22.48 -2.18 -7.78
N VAL A 200 -21.91 -3.20 -7.16
CA VAL A 200 -22.30 -4.58 -7.42
C VAL A 200 -23.06 -5.10 -6.21
N PRO A 201 -24.42 -4.94 -6.25
CA PRO A 201 -25.23 -5.25 -5.10
C PRO A 201 -24.87 -6.63 -4.62
N ASP A 202 -25.15 -7.63 -5.43
CA ASP A 202 -25.13 -9.01 -4.93
C ASP A 202 -23.81 -9.71 -5.18
N TYR A 203 -22.73 -8.96 -5.15
CA TYR A 203 -21.45 -9.61 -5.23
C TYR A 203 -21.15 -10.22 -3.88
N TYR A 204 -21.56 -9.51 -2.84
CA TYR A 204 -21.22 -9.86 -1.46
C TYR A 204 -22.23 -10.80 -0.89
N LYS A 205 -23.19 -11.16 -1.71
CA LYS A 205 -24.16 -12.17 -1.38
C LYS A 205 -23.63 -13.52 -1.82
N VAL A 206 -22.96 -13.54 -2.96
CA VAL A 206 -22.38 -14.75 -3.49
C VAL A 206 -21.03 -14.97 -2.84
N ILE A 207 -20.20 -13.96 -2.87
CA ILE A 207 -18.90 -14.04 -2.25
C ILE A 207 -19.02 -13.68 -0.80
N VAL A 208 -18.45 -14.52 0.03
CA VAL A 208 -18.64 -14.49 1.45
C VAL A 208 -17.29 -14.25 2.12
N ASN A 209 -16.23 -14.49 1.35
CA ASN A 209 -14.87 -14.26 1.74
C ASN A 209 -14.11 -13.47 0.70
N PRO A 210 -14.48 -12.20 0.50
CA PRO A 210 -13.90 -11.43 -0.58
C PRO A 210 -12.42 -11.35 -0.40
N MET A 211 -11.67 -11.47 -1.49
CA MET A 211 -10.25 -11.17 -1.42
C MET A 211 -9.89 -10.34 -2.63
N ASP A 212 -8.63 -9.92 -2.72
CA ASP A 212 -8.18 -9.13 -3.85
C ASP A 212 -6.90 -8.37 -3.52
N LEU A 213 -6.19 -7.98 -4.56
CA LEU A 213 -4.81 -7.55 -4.44
C LEU A 213 -4.45 -6.49 -3.40
N GLU A 214 -5.25 -5.44 -3.25
CA GLU A 214 -4.94 -4.38 -2.30
C GLU A 214 -4.99 -4.96 -0.91
N THR A 215 -6.00 -5.79 -0.64
CA THR A 215 -6.16 -6.41 0.67
C THR A 215 -4.96 -7.30 1.04
N ILE A 216 -4.51 -8.11 0.08
CA ILE A 216 -3.31 -8.93 0.29
C ILE A 216 -2.17 -8.08 0.86
N ARG A 217 -1.80 -6.99 0.16
CA ARG A 217 -0.72 -6.09 0.58
C ARG A 217 -0.88 -5.58 2.00
N LYS A 218 -2.10 -5.17 2.36
CA LYS A 218 -2.39 -4.77 3.73
C LYS A 218 -1.90 -5.83 4.70
N ASN A 219 -2.23 -7.09 4.42
CA ASN A 219 -1.91 -8.19 5.31
C ASN A 219 -0.42 -8.33 5.45
N ILE A 220 0.28 -8.18 4.34
CA ILE A 220 1.70 -8.36 4.23
C ILE A 220 2.42 -7.25 4.98
N SER A 221 1.88 -6.03 4.94
CA SER A 221 2.42 -4.94 5.76
C SER A 221 2.10 -5.17 7.22
N LYS A 222 0.90 -5.67 7.47
CA LYS A 222 0.47 -6.10 8.78
C LYS A 222 1.23 -7.38 9.14
N HIS A 223 1.93 -7.95 8.16
CA HIS A 223 2.71 -9.17 8.33
C HIS A 223 1.90 -10.39 8.68
N LYS A 224 0.81 -10.61 7.97
CA LYS A 224 -0.09 -11.72 8.26
C LYS A 224 0.53 -13.05 7.89
N TYR A 225 1.22 -13.10 6.75
CA TYR A 225 1.70 -14.37 6.23
C TYR A 225 3.10 -14.72 6.73
N GLN A 226 3.22 -15.94 7.24
CA GLN A 226 4.47 -16.48 7.77
C GLN A 226 4.96 -17.77 7.05
N SER A 227 4.14 -18.27 6.13
CA SER A 227 4.55 -19.34 5.22
C SER A 227 3.78 -19.09 3.94
N ARG A 228 3.95 -19.95 2.95
CA ARG A 228 3.16 -19.82 1.75
C ARG A 228 1.70 -20.22 1.93
N GLU A 229 1.43 -21.34 2.62
CA GLU A 229 0.04 -21.73 2.94
C GLU A 229 -0.90 -20.54 3.16
N SER A 230 -0.76 -19.82 4.27
CA SER A 230 -1.55 -18.61 4.54
C SER A 230 -1.64 -17.78 3.27
N PHE A 231 -0.51 -17.29 2.77
CA PHE A 231 -0.49 -16.39 1.61
C PHE A 231 -1.33 -16.99 0.45
N LEU A 232 -0.90 -18.15 -0.05
CA LEU A 232 -1.59 -18.89 -1.11
C LEU A 232 -3.08 -18.99 -0.90
N ASP A 233 -3.50 -19.27 0.32
CA ASP A 233 -4.91 -19.33 0.61
C ASP A 233 -5.60 -18.05 0.24
N ASP A 234 -5.13 -16.92 0.77
CA ASP A 234 -5.64 -15.65 0.26
C ASP A 234 -5.52 -15.61 -1.28
N VAL A 235 -4.35 -15.90 -1.83
CA VAL A 235 -4.20 -15.73 -3.28
C VAL A 235 -5.26 -16.53 -4.12
N ASN A 236 -5.36 -17.84 -3.85
CA ASN A 236 -6.33 -18.71 -4.51
C ASN A 236 -7.73 -18.13 -4.56
N LEU A 237 -8.18 -17.52 -3.47
CA LEU A 237 -9.51 -16.90 -3.45
C LEU A 237 -9.73 -16.00 -4.64
N ILE A 238 -8.69 -15.28 -5.04
CA ILE A 238 -8.84 -14.38 -6.17
C ILE A 238 -9.43 -15.15 -7.35
N LEU A 239 -8.88 -16.33 -7.65
CA LEU A 239 -9.40 -17.12 -8.75
C LEU A 239 -10.68 -17.81 -8.33
N ALA A 240 -10.75 -18.24 -7.08
CA ALA A 240 -11.89 -19.04 -6.65
C ALA A 240 -13.15 -18.21 -6.62
N ASN A 241 -13.13 -17.09 -5.91
CA ASN A 241 -14.31 -16.24 -5.83
C ASN A 241 -14.84 -15.87 -7.22
N SER A 242 -13.94 -15.71 -8.18
CA SER A 242 -14.31 -15.30 -9.54
C SER A 242 -14.96 -16.41 -10.29
N VAL A 243 -14.53 -17.63 -10.05
CA VAL A 243 -15.23 -18.76 -10.57
C VAL A 243 -16.60 -18.72 -9.95
N LYS A 244 -16.64 -18.63 -8.63
CA LYS A 244 -17.91 -18.61 -7.89
C LYS A 244 -18.89 -17.56 -8.46
N TYR A 245 -18.42 -16.37 -8.80
CA TYR A 245 -19.31 -15.29 -9.22
C TYR A 245 -19.37 -15.00 -10.73
N ASN A 246 -18.22 -14.98 -11.41
CA ASN A 246 -18.18 -14.73 -12.86
C ASN A 246 -18.31 -16.00 -13.69
N GLY A 247 -17.96 -17.15 -13.10
CA GLY A 247 -18.08 -18.43 -13.79
C GLY A 247 -16.76 -18.88 -14.39
N PRO A 248 -16.62 -20.18 -14.66
CA PRO A 248 -15.38 -20.71 -15.21
C PRO A 248 -14.98 -20.10 -16.55
N GLU A 249 -15.94 -19.96 -17.47
CA GLU A 249 -15.56 -19.57 -18.82
C GLU A 249 -15.68 -18.07 -19.07
N SER A 250 -15.95 -17.31 -18.00
CA SER A 250 -16.00 -15.85 -18.04
C SER A 250 -14.67 -15.18 -18.28
N GLN A 251 -14.74 -13.90 -18.56
CA GLN A 251 -13.58 -13.10 -18.91
C GLN A 251 -12.65 -12.82 -17.74
N TYR A 252 -13.24 -12.38 -16.63
CA TYR A 252 -12.51 -12.02 -15.45
C TYR A 252 -11.79 -13.28 -14.88
N THR A 253 -12.51 -14.40 -14.79
CA THR A 253 -11.89 -15.66 -14.40
C THR A 253 -10.54 -15.87 -15.06
N LYS A 254 -10.42 -15.48 -16.33
CA LYS A 254 -9.23 -15.80 -17.12
C LYS A 254 -8.12 -14.86 -16.78
N THR A 255 -8.48 -13.63 -16.48
CA THR A 255 -7.51 -12.67 -16.02
C THR A 255 -7.11 -13.16 -14.66
N ALA A 256 -8.10 -13.53 -13.86
CA ALA A 256 -7.84 -14.07 -12.54
C ALA A 256 -6.97 -15.33 -12.65
N GLN A 257 -7.23 -16.16 -13.66
CA GLN A 257 -6.42 -17.35 -13.94
C GLN A 257 -5.00 -16.89 -14.07
N GLU A 258 -4.84 -15.75 -14.73
CA GLU A 258 -3.54 -15.26 -15.08
C GLU A 258 -2.83 -14.87 -13.81
N ILE A 259 -3.33 -13.84 -13.14
CA ILE A 259 -2.79 -13.33 -11.85
C ILE A 259 -2.22 -14.44 -10.95
N VAL A 260 -3.12 -15.32 -10.52
CA VAL A 260 -2.78 -16.52 -9.76
C VAL A 260 -1.57 -17.31 -10.30
N ASN A 261 -1.39 -17.38 -11.62
CA ASN A 261 -0.29 -18.15 -12.18
C ASN A 261 1.05 -17.44 -12.11
N VAL A 262 1.06 -16.15 -12.45
CA VAL A 262 2.27 -15.33 -12.36
C VAL A 262 2.81 -15.52 -10.97
N CYS A 263 1.90 -15.44 -10.00
CA CYS A 263 2.18 -15.76 -8.62
C CYS A 263 2.78 -17.19 -8.38
N TYR A 264 2.11 -18.24 -8.87
CA TYR A 264 2.64 -19.60 -8.71
C TYR A 264 4.02 -19.80 -9.29
N GLN A 265 4.22 -19.27 -10.48
CA GLN A 265 5.46 -19.37 -11.22
C GLN A 265 6.57 -18.80 -10.37
N THR A 266 6.29 -17.65 -9.75
CA THR A 266 7.30 -16.94 -9.02
C THR A 266 7.61 -17.63 -7.70
N LEU A 267 6.59 -18.21 -7.07
CA LEU A 267 6.83 -18.99 -5.88
C LEU A 267 7.71 -20.16 -6.24
N THR A 268 7.30 -20.90 -7.29
CA THR A 268 8.07 -22.02 -7.84
C THR A 268 9.51 -21.63 -8.04
N GLU A 269 9.74 -20.51 -8.71
CA GLU A 269 11.08 -19.99 -8.91
C GLU A 269 11.76 -19.92 -7.54
N TYR A 270 11.12 -19.23 -6.59
CA TYR A 270 11.76 -18.93 -5.33
C TYR A 270 11.70 -20.05 -4.27
N ASP A 271 11.16 -21.21 -4.64
CA ASP A 271 10.84 -22.29 -3.69
C ASP A 271 11.98 -22.62 -2.74
N GLU A 272 13.14 -22.93 -3.29
CA GLU A 272 14.31 -23.26 -2.49
C GLU A 272 14.58 -22.16 -1.47
N HIS A 273 14.54 -20.91 -1.91
CA HIS A 273 14.82 -19.72 -1.08
C HIS A 273 13.76 -19.50 -0.03
N LEU A 274 12.49 -19.54 -0.46
CA LEU A 274 11.41 -19.29 0.46
C LEU A 274 11.40 -20.37 1.52
N THR A 275 11.64 -21.62 1.10
CA THR A 275 11.55 -22.76 2.02
C THR A 275 12.44 -22.55 3.23
N GLN A 276 13.59 -21.93 2.99
CA GLN A 276 14.54 -21.66 4.06
C GLN A 276 13.99 -20.61 5.00
N LEU A 277 13.43 -19.54 4.43
CA LEU A 277 12.85 -18.46 5.23
C LEU A 277 11.71 -18.96 6.12
N GLU A 278 10.85 -19.76 5.50
CA GLU A 278 9.68 -20.27 6.15
C GLU A 278 10.11 -21.00 7.37
N LYS A 279 11.13 -21.82 7.20
CA LYS A 279 11.65 -22.66 8.24
C LYS A 279 12.16 -21.77 9.37
N ASP A 280 12.89 -20.73 9.01
CA ASP A 280 13.53 -19.88 9.99
C ASP A 280 12.51 -19.08 10.78
N ILE A 281 11.58 -18.49 10.05
CA ILE A 281 10.39 -17.96 10.65
C ILE A 281 9.92 -18.97 11.72
N CYS A 282 9.86 -20.25 11.40
CA CYS A 282 9.39 -21.25 12.33
C CYS A 282 10.23 -21.40 13.56
N THR A 283 11.49 -21.76 13.39
CA THR A 283 12.35 -21.98 14.54
C THR A 283 12.17 -20.77 15.41
N ALA A 284 12.41 -19.59 14.84
CA ALA A 284 12.27 -18.32 15.55
C ALA A 284 11.08 -18.28 16.49
N LYS A 285 9.95 -18.75 15.99
CA LYS A 285 8.71 -18.72 16.73
C LYS A 285 8.77 -19.76 17.83
N GLU A 286 8.86 -21.04 17.45
CA GLU A 286 9.03 -22.11 18.43
C GLU A 286 10.03 -21.75 19.54
N ALA A 287 10.97 -20.86 19.22
CA ALA A 287 12.08 -20.55 20.11
C ALA A 287 11.69 -19.54 21.16
N ALA A 288 11.12 -18.44 20.70
CA ALA A 288 10.62 -17.40 21.59
C ALA A 288 9.46 -17.93 22.45
N LEU A 289 9.22 -19.25 22.34
CA LEU A 289 8.04 -19.89 22.88
C LEU A 289 8.27 -20.61 24.20
N GLU A 290 9.29 -21.47 24.26
CA GLU A 290 9.62 -22.16 25.52
C GLU A 290 10.69 -21.41 26.33
N GLU A 291 11.53 -20.67 25.61
CA GLU A 291 12.45 -19.73 26.24
C GLU A 291 11.67 -18.45 26.60
N MET B 4 -37.09 -7.01 -15.75
CA MET B 4 -36.52 -7.50 -17.02
C MET B 4 -35.31 -6.61 -17.45
N ALA B 5 -34.48 -6.24 -16.47
CA ALA B 5 -33.52 -5.09 -16.56
C ALA B 5 -32.30 -5.08 -17.53
N LYS B 6 -32.37 -4.34 -18.66
CA LYS B 6 -31.41 -4.48 -19.80
C LYS B 6 -29.91 -4.10 -19.62
N VAL B 7 -29.65 -2.93 -19.03
CA VAL B 7 -28.29 -2.35 -18.89
C VAL B 7 -27.83 -2.32 -17.43
N GLN B 8 -26.55 -2.56 -17.16
CA GLN B 8 -26.00 -2.43 -15.81
C GLN B 8 -24.77 -1.55 -15.86
N VAL B 9 -24.63 -0.63 -14.90
CA VAL B 9 -23.32 0.00 -14.65
C VAL B 9 -22.61 -0.91 -13.66
N ASN B 10 -21.36 -1.20 -13.98
CA ASN B 10 -20.60 -2.13 -13.20
C ASN B 10 -19.67 -1.41 -12.26
N ASN B 11 -19.15 -0.29 -12.74
CA ASN B 11 -18.25 0.52 -11.97
C ASN B 11 -18.20 1.94 -12.48
N VAL B 12 -17.78 2.84 -11.59
CA VAL B 12 -17.32 4.15 -11.98
C VAL B 12 -15.87 4.26 -11.51
N VAL B 13 -15.05 5.05 -12.18
CA VAL B 13 -13.75 5.38 -11.61
C VAL B 13 -13.59 6.87 -11.72
N VAL B 14 -13.25 7.53 -10.62
CA VAL B 14 -12.99 8.97 -10.63
C VAL B 14 -11.56 9.23 -11.11
N LEU B 15 -11.41 10.05 -12.14
CA LEU B 15 -10.09 10.34 -12.69
C LEU B 15 -9.59 11.73 -12.34
N ASP B 16 -8.28 11.90 -12.48
CA ASP B 16 -7.60 13.18 -12.29
C ASP B 16 -8.00 13.80 -10.97
N ASN B 17 -8.03 13.00 -9.91
CA ASN B 17 -8.48 13.52 -8.63
C ASN B 17 -7.46 13.37 -7.52
N PRO B 18 -7.28 14.42 -6.69
CA PRO B 18 -8.02 15.67 -6.71
C PRO B 18 -7.46 16.57 -7.78
N SER B 19 -8.04 17.75 -7.99
CA SER B 19 -7.41 18.71 -8.89
C SER B 19 -7.89 20.14 -8.73
N PRO B 20 -7.17 21.07 -9.39
CA PRO B 20 -7.58 22.42 -9.65
C PRO B 20 -9.05 22.46 -9.94
N PHE B 21 -9.76 23.38 -9.31
CA PHE B 21 -11.20 23.44 -9.45
C PHE B 21 -11.62 23.51 -10.92
N TYR B 22 -10.85 24.18 -11.76
CA TYR B 22 -11.32 24.39 -13.11
C TYR B 22 -11.25 23.20 -14.08
N ASN B 23 -10.39 22.22 -13.82
CA ASN B 23 -10.23 21.07 -14.73
C ASN B 23 -11.53 20.40 -15.08
N PRO B 24 -11.65 19.81 -16.26
CA PRO B 24 -12.96 19.18 -16.46
C PRO B 24 -13.01 17.89 -15.70
N PHE B 25 -14.17 17.56 -15.13
CA PHE B 25 -14.43 16.24 -14.56
C PHE B 25 -14.09 15.10 -15.53
N GLN B 26 -13.60 14.00 -14.97
CA GLN B 26 -13.45 12.81 -15.78
C GLN B 26 -13.90 11.60 -15.01
N PHE B 27 -14.82 10.83 -15.61
CA PHE B 27 -15.27 9.57 -15.03
C PHE B 27 -15.13 8.38 -15.99
N GLU B 28 -14.49 7.30 -15.54
CA GLU B 28 -14.27 6.09 -16.35
C GLU B 28 -15.41 5.08 -16.20
N ILE B 29 -16.58 5.39 -16.76
CA ILE B 29 -17.78 4.55 -16.54
C ILE B 29 -17.66 3.15 -17.16
N THR B 30 -18.15 2.14 -16.43
CA THR B 30 -18.17 0.77 -16.95
C THR B 30 -19.55 0.12 -16.86
N PHE B 31 -20.13 -0.15 -18.02
CA PHE B 31 -21.44 -0.76 -18.07
C PHE B 31 -21.49 -2.01 -18.95
N GLU B 32 -22.59 -2.74 -18.83
CA GLU B 32 -22.79 -4.04 -19.43
C GLU B 32 -24.20 -4.03 -20.00
N CYS B 33 -24.46 -4.72 -21.12
CA CYS B 33 -25.84 -4.84 -21.62
C CYS B 33 -26.12 -6.15 -22.35
N ILE B 34 -27.26 -6.75 -22.03
CA ILE B 34 -27.53 -8.13 -22.40
C ILE B 34 -27.85 -8.38 -23.88
N GLU B 35 -28.75 -7.59 -24.46
CA GLU B 35 -28.99 -7.71 -25.88
C GLU B 35 -28.15 -6.64 -26.52
N ASP B 36 -27.92 -6.75 -27.83
CA ASP B 36 -27.34 -5.64 -28.56
C ASP B 36 -28.26 -4.45 -28.28
N LEU B 37 -28.12 -3.37 -29.01
CA LEU B 37 -28.88 -2.21 -28.64
C LEU B 37 -29.11 -1.22 -29.78
N SER B 38 -30.27 -0.56 -29.75
CA SER B 38 -30.63 0.54 -30.64
C SER B 38 -30.18 1.85 -30.03
N GLU B 39 -29.93 2.84 -30.89
CA GLU B 39 -29.46 4.20 -30.48
C GLU B 39 -30.27 4.77 -29.30
N ASP B 40 -29.90 4.41 -28.06
CA ASP B 40 -30.86 4.52 -26.93
C ASP B 40 -30.42 5.04 -25.55
N LEU B 41 -29.17 4.87 -25.19
CA LEU B 41 -28.74 5.34 -23.88
C LEU B 41 -28.52 6.85 -23.87
N GLU B 42 -28.01 7.38 -22.76
CA GLU B 42 -28.09 8.84 -22.47
C GLU B 42 -27.43 9.28 -21.17
N TRP B 43 -26.14 9.63 -21.23
CA TRP B 43 -25.43 9.88 -19.99
C TRP B 43 -25.28 11.34 -19.69
N LYS B 44 -25.56 11.69 -18.44
CA LYS B 44 -25.53 13.09 -18.05
C LYS B 44 -24.72 13.30 -16.76
N ILE B 45 -23.75 14.22 -16.84
CA ILE B 45 -23.06 14.74 -15.65
C ILE B 45 -23.69 16.03 -15.11
N ILE B 46 -24.26 15.98 -13.91
CA ILE B 46 -24.80 17.18 -13.23
C ILE B 46 -23.94 17.70 -12.07
N TYR B 47 -23.84 19.05 -11.97
CA TYR B 47 -23.18 19.68 -10.83
C TYR B 47 -24.18 20.28 -9.92
N VAL B 48 -24.55 19.55 -8.89
CA VAL B 48 -25.50 20.06 -7.92
C VAL B 48 -24.72 20.81 -6.86
N GLY B 49 -24.27 22.00 -7.24
CA GLY B 49 -23.39 22.80 -6.39
C GLY B 49 -24.11 23.79 -5.49
N SER B 50 -25.34 23.46 -5.12
CA SER B 50 -26.05 24.33 -4.21
C SER B 50 -26.92 23.54 -3.26
N ALA B 51 -26.27 22.68 -2.48
CA ALA B 51 -26.92 21.95 -1.37
C ALA B 51 -28.41 22.25 -1.15
N GLU B 52 -28.84 23.51 -1.30
CA GLU B 52 -30.24 23.89 -0.99
C GLU B 52 -31.30 24.01 -2.13
N SER B 53 -30.87 24.43 -3.32
CA SER B 53 -31.78 24.74 -4.46
C SER B 53 -31.36 24.18 -5.85
N GLU B 54 -32.30 23.47 -6.49
CA GLU B 54 -32.11 22.85 -7.83
C GLU B 54 -32.25 23.82 -9.02
N GLU B 55 -32.73 25.03 -8.76
CA GLU B 55 -32.63 26.08 -9.75
C GLU B 55 -31.15 26.45 -9.97
N TYR B 56 -30.26 26.02 -9.07
CA TYR B 56 -28.82 26.30 -9.22
C TYR B 56 -27.99 25.03 -9.37
N ASP B 57 -28.15 24.35 -10.51
CA ASP B 57 -27.27 23.24 -10.88
C ASP B 57 -27.23 23.14 -12.38
N GLN B 58 -26.05 22.96 -12.91
CA GLN B 58 -25.90 22.85 -14.33
C GLN B 58 -25.68 21.41 -14.74
N VAL B 59 -26.13 21.08 -15.94
CA VAL B 59 -25.76 19.83 -16.58
C VAL B 59 -24.51 20.11 -17.37
N LEU B 60 -23.47 19.34 -17.15
CA LEU B 60 -22.21 19.75 -17.73
C LEU B 60 -21.99 19.16 -19.13
N ASP B 61 -22.53 17.97 -19.38
CA ASP B 61 -22.51 17.41 -20.72
C ASP B 61 -23.48 16.26 -20.99
N SER B 62 -23.85 16.14 -22.26
CA SER B 62 -24.85 15.16 -22.68
C SER B 62 -24.16 14.21 -23.64
N VAL B 63 -24.35 12.92 -23.46
CA VAL B 63 -23.80 11.96 -24.40
C VAL B 63 -24.75 10.82 -24.72
N LEU B 64 -24.95 10.65 -26.02
CA LEU B 64 -25.95 9.72 -26.55
C LEU B 64 -25.35 8.38 -26.98
N VAL B 65 -25.19 7.48 -26.03
CA VAL B 65 -24.61 6.19 -26.32
C VAL B 65 -25.59 5.24 -27.01
N GLY B 66 -25.16 4.66 -28.13
CA GLY B 66 -25.95 3.68 -28.86
C GLY B 66 -25.91 4.05 -30.32
N PRO B 67 -26.01 3.05 -31.22
CA PRO B 67 -26.22 1.63 -30.97
C PRO B 67 -24.97 0.89 -30.54
N VAL B 68 -25.17 -0.16 -29.75
CA VAL B 68 -24.08 -0.82 -29.04
C VAL B 68 -24.35 -2.32 -29.05
N PRO B 69 -23.30 -3.15 -29.25
CA PRO B 69 -23.54 -4.58 -29.16
C PRO B 69 -23.77 -5.09 -27.74
N ALA B 70 -24.33 -6.29 -27.63
CA ALA B 70 -24.46 -6.99 -26.36
C ALA B 70 -23.10 -7.12 -25.70
N GLY B 71 -23.09 -7.23 -24.37
CA GLY B 71 -21.84 -7.41 -23.65
C GLY B 71 -21.37 -6.19 -22.89
N ARG B 72 -20.06 -6.13 -22.68
CA ARG B 72 -19.48 -5.25 -21.69
C ARG B 72 -18.75 -4.11 -22.36
N HIS B 73 -18.92 -2.90 -21.83
CA HIS B 73 -18.33 -1.65 -22.38
C HIS B 73 -17.81 -0.70 -21.31
N MET B 74 -16.59 -0.22 -21.48
CA MET B 74 -15.98 0.70 -20.53
C MET B 74 -15.69 1.92 -21.38
N PHE B 75 -15.89 3.13 -20.85
CA PHE B 75 -15.59 4.36 -21.63
C PHE B 75 -15.35 5.58 -20.71
N VAL B 76 -14.51 6.53 -21.12
CA VAL B 76 -14.34 7.73 -20.29
C VAL B 76 -15.34 8.83 -20.58
N PHE B 77 -15.78 9.52 -19.55
CA PHE B 77 -16.77 10.57 -19.76
C PHE B 77 -16.14 11.90 -19.38
N GLN B 78 -15.56 12.56 -20.38
CA GLN B 78 -15.04 13.91 -20.23
C GLN B 78 -16.18 14.91 -20.13
N ALA B 79 -16.04 15.94 -19.27
CA ALA B 79 -17.05 17.03 -19.16
C ALA B 79 -16.55 18.30 -18.44
N ASP B 80 -16.57 19.46 -19.12
CA ASP B 80 -16.07 20.75 -18.56
C ASP B 80 -16.62 21.13 -17.18
N ALA B 81 -15.90 22.00 -16.48
CA ALA B 81 -16.12 22.24 -15.06
C ALA B 81 -17.17 23.29 -14.77
N PRO B 82 -17.86 23.19 -13.61
CA PRO B 82 -19.07 23.99 -13.41
C PRO B 82 -18.74 25.45 -13.46
N ASN B 83 -19.61 26.18 -14.15
CA ASN B 83 -19.41 27.59 -14.41
C ASN B 83 -19.60 28.42 -13.14
N PRO B 84 -18.51 28.99 -12.62
CA PRO B 84 -18.46 29.72 -11.36
C PRO B 84 -19.47 30.85 -11.28
N GLY B 85 -19.72 31.50 -12.41
CA GLY B 85 -20.70 32.55 -12.52
C GLY B 85 -22.02 32.13 -11.93
N LEU B 86 -22.57 31.02 -12.43
CA LEU B 86 -23.81 30.45 -11.93
C LEU B 86 -23.62 29.70 -10.61
N ILE B 87 -22.50 29.90 -9.93
CA ILE B 87 -22.31 29.30 -8.61
C ILE B 87 -22.27 30.39 -7.55
N PRO B 88 -23.09 30.26 -6.48
CA PRO B 88 -23.16 31.30 -5.45
C PRO B 88 -22.03 31.27 -4.43
N ASP B 89 -21.70 32.48 -3.98
CA ASP B 89 -20.62 32.81 -3.04
C ASP B 89 -20.44 31.85 -1.85
N ALA B 90 -21.15 32.13 -0.75
CA ALA B 90 -21.09 31.30 0.47
C ALA B 90 -21.19 29.82 0.13
N ASP B 91 -21.68 29.55 -1.08
CA ASP B 91 -21.99 28.20 -1.49
C ASP B 91 -20.84 27.54 -2.26
N ALA B 92 -19.65 28.13 -2.19
CA ALA B 92 -18.51 27.79 -3.09
C ALA B 92 -17.34 26.93 -2.53
N VAL B 93 -17.12 27.01 -1.22
CA VAL B 93 -15.97 26.42 -0.54
C VAL B 93 -16.48 25.44 0.53
N GLY B 94 -16.84 24.25 0.09
CA GLY B 94 -17.37 23.19 0.97
C GLY B 94 -17.66 21.95 0.13
N VAL B 95 -18.56 21.11 0.61
CA VAL B 95 -18.97 19.92 -0.14
C VAL B 95 -20.13 20.25 -1.08
N THR B 96 -20.08 19.70 -2.29
CA THR B 96 -21.20 19.83 -3.22
C THR B 96 -21.42 18.48 -3.86
N VAL B 97 -22.25 18.41 -4.89
CA VAL B 97 -22.54 17.12 -5.46
C VAL B 97 -22.32 17.00 -6.96
N VAL B 98 -21.75 15.87 -7.38
CA VAL B 98 -21.71 15.53 -8.79
C VAL B 98 -22.70 14.41 -9.07
N LEU B 99 -23.28 14.40 -10.27
CA LEU B 99 -24.08 13.26 -10.69
C LEU B 99 -23.62 12.78 -12.09
N ILE B 100 -23.44 11.47 -12.24
CA ILE B 100 -23.50 10.90 -13.57
C ILE B 100 -24.83 10.27 -13.51
N THR B 101 -25.74 10.58 -14.42
CA THR B 101 -26.94 9.73 -14.55
C THR B 101 -26.91 9.05 -15.89
N CYS B 102 -27.70 7.98 -15.99
CA CYS B 102 -27.97 7.40 -17.29
C CYS B 102 -29.44 7.13 -17.54
N THR B 103 -29.85 7.46 -18.75
CA THR B 103 -31.24 7.28 -19.16
C THR B 103 -31.38 6.31 -20.34
N TYR B 104 -32.48 5.55 -20.33
CA TYR B 104 -32.81 4.62 -21.42
C TYR B 104 -34.20 4.89 -21.94
N ARG B 105 -34.26 5.40 -23.18
CA ARG B 105 -35.52 5.78 -23.84
C ARG B 105 -36.38 6.57 -22.87
N GLY B 106 -36.06 7.86 -22.73
CA GLY B 106 -36.75 8.73 -21.78
C GLY B 106 -36.56 8.41 -20.30
N GLN B 107 -36.18 7.19 -19.96
CA GLN B 107 -36.07 6.80 -18.56
C GLN B 107 -34.67 6.80 -17.90
N GLU B 108 -34.59 7.56 -16.79
CA GLU B 108 -33.45 7.55 -15.87
C GLU B 108 -33.62 6.25 -15.13
N PHE B 109 -32.53 5.51 -15.00
CA PHE B 109 -32.58 4.20 -14.37
C PHE B 109 -31.37 3.99 -13.44
N ILE B 110 -30.45 5.02 -13.43
CA ILE B 110 -29.29 4.94 -12.53
C ILE B 110 -28.56 6.29 -12.26
N ARG B 111 -28.66 6.69 -11.00
CA ARG B 111 -28.14 7.95 -10.49
C ARG B 111 -26.83 7.61 -9.78
N VAL B 112 -25.76 8.35 -10.05
CA VAL B 112 -24.46 8.08 -9.38
C VAL B 112 -23.92 9.34 -8.73
N GLY B 113 -24.00 9.34 -7.42
CA GLY B 113 -23.71 10.52 -6.64
C GLY B 113 -22.27 10.54 -6.26
N TYR B 114 -21.76 11.76 -6.07
CA TYR B 114 -20.43 12.00 -5.58
C TYR B 114 -20.45 13.28 -4.79
N TYR B 115 -20.22 13.17 -3.49
CA TYR B 115 -20.00 14.36 -2.69
C TYR B 115 -18.63 14.98 -3.05
N VAL B 116 -18.60 16.32 -3.13
CA VAL B 116 -17.45 17.03 -3.68
C VAL B 116 -16.98 18.07 -2.70
N ASN B 117 -15.68 18.07 -2.40
CA ASN B 117 -15.11 19.02 -1.46
C ASN B 117 -14.20 20.05 -2.14
N ASN B 118 -14.69 21.28 -2.24
CA ASN B 118 -13.92 22.35 -2.89
C ASN B 118 -13.22 23.22 -1.86
N GLU B 119 -11.90 23.07 -1.78
CA GLU B 119 -11.14 23.70 -0.72
C GLU B 119 -10.08 24.63 -1.29
N TYR B 120 -9.50 25.50 -0.46
CA TYR B 120 -8.25 26.14 -0.90
C TYR B 120 -7.12 25.16 -0.59
N THR B 121 -6.22 25.00 -1.54
CA THR B 121 -5.09 24.10 -1.38
C THR B 121 -3.99 24.85 -0.68
N GLU B 122 -3.88 26.13 -0.98
CA GLU B 122 -2.78 26.94 -0.47
C GLU B 122 -2.87 27.09 1.05
N THR B 123 -1.70 27.32 1.68
CA THR B 123 -1.55 27.21 3.15
C THR B 123 -2.14 28.41 3.91
N GLU B 124 -1.93 29.60 3.36
CA GLU B 124 -2.30 30.87 3.95
C GLU B 124 -3.77 31.25 3.78
N LEU B 125 -4.34 30.89 2.64
CA LEU B 125 -5.70 31.28 2.27
C LEU B 125 -6.81 30.49 2.98
N ARG B 126 -6.54 29.21 3.22
CA ARG B 126 -7.52 28.27 3.82
C ARG B 126 -7.90 28.70 5.23
N GLU B 127 -7.00 29.46 5.87
CA GLU B 127 -7.23 30.06 7.18
C GLU B 127 -8.31 31.13 7.11
N ASN B 128 -8.14 32.08 6.19
CA ASN B 128 -8.97 33.27 6.12
C ASN B 128 -9.53 33.49 4.72
N PRO B 129 -10.38 32.54 4.25
CA PRO B 129 -11.06 32.62 2.95
C PRO B 129 -11.66 33.99 2.64
N PRO B 130 -11.15 34.66 1.60
CA PRO B 130 -11.61 35.96 1.12
C PRO B 130 -13.11 35.99 0.82
N VAL B 131 -13.73 37.14 1.05
CA VAL B 131 -15.17 37.32 0.83
C VAL B 131 -15.66 36.80 -0.54
N LYS B 132 -14.98 37.20 -1.61
CA LYS B 132 -15.26 36.74 -2.98
C LYS B 132 -14.41 35.51 -3.36
N PRO B 133 -15.08 34.38 -3.61
CA PRO B 133 -14.42 33.09 -3.90
C PRO B 133 -13.48 33.11 -5.13
N ASP B 134 -12.20 32.78 -4.89
CA ASP B 134 -11.18 32.82 -5.93
C ASP B 134 -10.92 31.44 -6.52
N PHE B 135 -11.91 30.93 -7.24
CA PHE B 135 -11.88 29.58 -7.81
C PHE B 135 -10.53 29.18 -8.36
N SER B 136 -9.82 30.11 -8.98
CA SER B 136 -8.47 29.80 -9.40
C SER B 136 -7.72 29.11 -8.27
N LYS B 137 -7.68 29.71 -7.08
CA LYS B 137 -6.94 29.14 -5.96
C LYS B 137 -7.57 27.89 -5.35
N LEU B 138 -8.85 27.64 -5.64
CA LEU B 138 -9.60 26.50 -5.08
C LEU B 138 -9.06 25.14 -5.50
N GLN B 139 -9.68 24.07 -5.05
CA GLN B 139 -9.17 22.72 -5.27
C GLN B 139 -10.25 21.63 -5.05
N ARG B 140 -10.52 20.87 -6.12
CA ARG B 140 -11.63 19.91 -6.11
C ARG B 140 -11.15 18.55 -5.71
N ASN B 141 -11.40 18.23 -4.44
CA ASN B 141 -11.20 16.89 -3.98
C ASN B 141 -12.53 16.17 -4.08
N ILE B 142 -12.67 15.29 -5.07
CA ILE B 142 -13.86 14.47 -5.16
C ILE B 142 -13.66 13.32 -4.19
N LEU B 143 -14.67 12.93 -3.42
CA LEU B 143 -14.45 11.84 -2.45
C LEU B 143 -14.68 10.45 -3.05
N ALA B 144 -13.72 10.01 -3.87
CA ALA B 144 -13.86 8.78 -4.61
C ALA B 144 -14.24 7.67 -3.68
N SER B 145 -13.47 7.58 -2.60
CA SER B 145 -13.60 6.51 -1.60
C SER B 145 -15.03 6.04 -1.43
N ASN B 146 -15.96 6.99 -1.39
CA ASN B 146 -17.30 6.77 -0.85
C ASN B 146 -18.44 7.15 -1.84
N PRO B 147 -18.57 6.41 -2.97
CA PRO B 147 -19.57 6.82 -3.96
C PRO B 147 -20.95 6.54 -3.38
N ARG B 148 -21.97 7.16 -3.93
CA ARG B 148 -23.33 6.96 -3.45
C ARG B 148 -24.26 6.72 -4.62
N VAL B 149 -25.00 5.62 -4.57
CA VAL B 149 -25.58 5.03 -5.77
C VAL B 149 -27.05 4.76 -5.63
N THR B 150 -27.82 5.32 -6.57
CA THR B 150 -29.23 5.01 -6.60
C THR B 150 -29.60 4.55 -7.99
N ARG B 151 -30.40 3.50 -7.96
CA ARG B 151 -30.61 2.63 -9.09
C ARG B 151 -32.12 2.48 -8.96
N PHE B 152 -32.84 3.08 -9.94
CA PHE B 152 -34.29 2.94 -9.88
C PHE B 152 -34.96 2.22 -11.03
N HIS B 153 -35.80 1.27 -10.60
CA HIS B 153 -36.64 0.43 -11.44
C HIS B 153 -37.29 1.25 -12.54
N ILE B 154 -37.05 0.78 -13.82
CA ILE B 154 -37.86 1.30 -14.91
C ILE B 154 -38.53 0.28 -15.83
N ASN B 155 -39.08 0.73 -16.94
CA ASN B 155 -39.79 -0.16 -17.84
C ASN B 155 -39.30 -0.13 -19.28
N TRP B 156 -38.13 -0.79 -19.44
CA TRP B 156 -37.50 -1.21 -20.70
C TRP B 156 -38.48 -1.73 -21.75
N MET C 4 26.27 -27.48 -13.01
CA MET C 4 27.66 -27.88 -12.63
C MET C 4 28.62 -26.68 -12.72
N ALA C 5 29.35 -26.44 -11.63
CA ALA C 5 30.22 -25.25 -11.46
C ALA C 5 31.75 -25.50 -11.57
N LYS C 6 32.56 -24.48 -11.25
CA LYS C 6 34.03 -24.58 -11.17
C LYS C 6 34.50 -23.92 -9.86
N VAL C 7 33.65 -23.01 -9.37
CA VAL C 7 33.89 -22.24 -8.16
C VAL C 7 32.67 -22.23 -7.24
N GLN C 8 32.74 -22.98 -6.14
CA GLN C 8 31.70 -22.92 -5.12
C GLN C 8 32.07 -21.84 -4.10
N VAL C 9 31.08 -21.11 -3.59
CA VAL C 9 31.32 -20.07 -2.58
C VAL C 9 30.96 -20.61 -1.21
N ASN C 10 31.89 -20.57 -0.27
CA ASN C 10 31.69 -21.27 1.01
C ASN C 10 31.17 -20.45 2.14
N ASN C 11 31.30 -19.14 2.06
CA ASN C 11 30.89 -18.31 3.17
C ASN C 11 30.91 -16.86 2.77
N VAL C 12 29.94 -16.10 3.23
CA VAL C 12 29.99 -14.65 3.11
C VAL C 12 29.82 -14.14 4.52
N VAL C 13 30.60 -13.14 4.90
CA VAL C 13 30.47 -12.55 6.21
C VAL C 13 30.38 -11.05 6.02
N VAL C 14 29.44 -10.43 6.73
CA VAL C 14 29.31 -8.98 6.75
C VAL C 14 30.20 -8.57 7.89
N LEU C 15 31.09 -7.60 7.66
CA LEU C 15 32.04 -7.18 8.71
C LEU C 15 31.95 -5.70 9.01
N ASP C 16 30.75 -5.14 8.91
CA ASP C 16 30.56 -3.70 8.78
C ASP C 16 29.27 -3.14 9.41
N ASN C 17 28.26 -3.98 9.60
CA ASN C 17 26.89 -3.52 9.90
C ASN C 17 26.37 -3.88 11.30
N PRO C 18 25.35 -3.18 11.82
CA PRO C 18 24.63 -2.05 11.25
C PRO C 18 25.52 -0.82 11.05
N SER C 19 25.23 -0.05 10.00
CA SER C 19 26.12 1.03 9.55
C SER C 19 25.34 2.26 9.08
N PRO C 20 25.98 3.45 9.14
CA PRO C 20 25.39 4.59 8.43
C PRO C 20 25.26 4.27 6.94
N PHE C 21 24.34 4.97 6.27
CA PHE C 21 24.08 4.70 4.86
C PHE C 21 25.28 5.04 3.98
N TYR C 22 26.09 6.01 4.39
CA TYR C 22 27.25 6.47 3.60
C TYR C 22 28.50 5.60 3.71
N ASN C 23 28.55 4.76 4.75
CA ASN C 23 29.68 3.86 4.95
C ASN C 23 29.72 2.82 3.88
N PRO C 24 30.92 2.46 3.40
CA PRO C 24 31.09 1.35 2.49
C PRO C 24 30.70 0.00 3.06
N PHE C 25 30.46 -0.95 2.17
CA PHE C 25 30.23 -2.35 2.53
C PHE C 25 31.57 -3.04 2.71
N GLN C 26 31.54 -4.22 3.35
CA GLN C 26 32.71 -5.01 3.57
C GLN C 26 32.22 -6.45 3.63
N PHE C 27 32.74 -7.28 2.75
CA PHE C 27 32.36 -8.67 2.76
C PHE C 27 33.58 -9.54 2.81
N GLU C 28 33.54 -10.55 3.67
CA GLU C 28 34.59 -11.55 3.66
C GLU C 28 34.06 -12.82 2.99
N ILE C 29 34.11 -12.84 1.66
CA ILE C 29 33.83 -14.07 0.92
C ILE C 29 34.90 -15.09 1.22
N THR C 30 34.54 -16.36 1.23
CA THR C 30 35.49 -17.40 1.53
C THR C 30 35.13 -18.49 0.58
N PHE C 31 35.62 -18.41 -0.65
CA PHE C 31 35.25 -19.41 -1.66
C PHE C 31 36.28 -20.50 -1.90
N GLU C 32 35.83 -21.61 -2.48
CA GLU C 32 36.73 -22.66 -2.92
C GLU C 32 36.53 -22.94 -4.39
N CYS C 33 37.62 -23.35 -5.02
CA CYS C 33 37.68 -23.54 -6.46
C CYS C 33 38.37 -24.89 -6.75
N ILE C 34 37.68 -25.81 -7.44
CA ILE C 34 38.18 -27.20 -7.56
C ILE C 34 39.09 -27.44 -8.78
N GLU C 35 39.57 -26.36 -9.39
CA GLU C 35 40.38 -26.45 -10.62
C GLU C 35 41.13 -25.15 -10.93
N ASP C 36 42.40 -25.25 -11.33
CA ASP C 36 43.18 -24.05 -11.66
C ASP C 36 42.53 -23.28 -12.81
N LEU C 37 42.57 -21.95 -12.74
CA LEU C 37 41.90 -21.11 -13.75
C LEU C 37 42.87 -20.26 -14.56
N SER C 38 42.82 -20.46 -15.88
CA SER C 38 43.62 -19.70 -16.84
C SER C 38 43.32 -18.19 -16.84
N GLU C 39 42.05 -17.81 -16.79
CA GLU C 39 41.70 -16.38 -16.66
C GLU C 39 41.41 -16.05 -15.22
N ASP C 40 40.72 -14.94 -15.02
CA ASP C 40 40.33 -14.57 -13.67
C ASP C 40 38.90 -14.04 -13.51
N LEU C 41 38.40 -14.23 -12.28
CA LEU C 41 37.05 -13.93 -11.82
C LEU C 41 36.86 -12.46 -11.55
N GLU C 42 35.74 -11.90 -12.00
CA GLU C 42 35.35 -10.53 -11.66
C GLU C 42 34.16 -10.49 -10.70
N TRP C 43 34.40 -9.98 -9.51
CA TRP C 43 33.36 -9.82 -8.50
C TRP C 43 32.77 -8.43 -8.58
N LYS C 44 31.46 -8.34 -8.34
CA LYS C 44 30.71 -7.09 -8.46
C LYS C 44 29.75 -6.91 -7.25
N ILE C 45 29.51 -5.68 -6.84
CA ILE C 45 28.55 -5.40 -5.78
C ILE C 45 27.44 -4.49 -6.33
N ILE C 46 26.25 -5.04 -6.51
CA ILE C 46 25.14 -4.28 -7.12
C ILE C 46 24.05 -3.90 -6.11
N TYR C 47 23.86 -2.60 -5.90
CA TYR C 47 22.84 -2.10 -4.96
C TYR C 47 21.57 -1.89 -5.73
N VAL C 48 20.47 -2.38 -5.19
CA VAL C 48 19.20 -2.30 -5.90
C VAL C 48 18.40 -1.09 -5.45
N GLY C 49 18.58 0.02 -6.16
CA GLY C 49 17.93 1.28 -5.82
C GLY C 49 16.45 1.15 -5.50
N SER C 50 15.64 1.01 -6.56
CA SER C 50 14.21 0.75 -6.44
C SER C 50 13.95 -0.68 -6.89
N ALA C 51 13.31 -1.47 -6.04
CA ALA C 51 12.93 -2.83 -6.44
C ALA C 51 11.82 -2.84 -7.54
N GLU C 52 11.52 -1.65 -8.04
CA GLU C 52 10.53 -1.40 -9.08
C GLU C 52 11.04 -1.84 -10.47
N SER C 53 12.30 -1.49 -10.76
CA SER C 53 12.92 -1.72 -12.06
C SER C 53 14.44 -1.68 -11.96
N GLU C 54 15.10 -2.35 -12.90
CA GLU C 54 16.55 -2.39 -12.89
C GLU C 54 17.13 -1.22 -13.68
N GLU C 55 16.44 -0.10 -13.67
CA GLU C 55 16.93 1.11 -14.31
C GLU C 55 17.29 2.12 -13.24
N TYR C 56 17.21 1.69 -11.99
CA TYR C 56 17.48 2.55 -10.83
C TYR C 56 18.55 1.98 -9.91
N ASP C 57 18.86 0.70 -10.11
CA ASP C 57 19.89 0.03 -9.33
C ASP C 57 21.27 0.42 -9.83
N GLN C 58 22.27 0.31 -8.97
CA GLN C 58 23.62 0.74 -9.30
C GLN C 58 24.74 -0.18 -8.82
N VAL C 59 25.71 -0.38 -9.71
CA VAL C 59 26.98 -1.05 -9.38
C VAL C 59 27.80 -0.12 -8.48
N LEU C 60 28.56 -0.68 -7.55
CA LEU C 60 29.25 0.16 -6.58
C LEU C 60 30.75 -0.04 -6.59
N ASP C 61 31.18 -1.27 -6.84
CA ASP C 61 32.57 -1.57 -7.14
C ASP C 61 32.69 -2.84 -7.97
N SER C 62 33.93 -3.17 -8.33
CA SER C 62 34.26 -4.30 -9.19
C SER C 62 35.72 -4.65 -8.94
N VAL C 63 35.97 -5.89 -8.52
CA VAL C 63 37.33 -6.36 -8.22
C VAL C 63 37.64 -7.64 -8.98
N LEU C 64 38.84 -7.70 -9.58
CA LEU C 64 39.21 -8.77 -10.54
C LEU C 64 40.16 -9.83 -10.01
N VAL C 65 39.81 -10.41 -8.86
CA VAL C 65 40.58 -11.50 -8.21
C VAL C 65 41.12 -12.54 -9.17
N GLY C 66 42.44 -12.52 -9.35
CA GLY C 66 43.14 -13.53 -10.13
C GLY C 66 44.60 -13.20 -10.37
N PRO C 67 45.30 -14.03 -11.19
CA PRO C 67 44.80 -15.33 -11.66
C PRO C 67 44.68 -16.31 -10.49
N VAL C 68 43.55 -17.01 -10.42
CA VAL C 68 43.16 -17.78 -9.23
C VAL C 68 43.27 -19.32 -9.41
N PRO C 69 44.21 -19.95 -8.70
CA PRO C 69 44.37 -21.40 -8.75
C PRO C 69 43.27 -22.12 -8.00
N ALA C 70 43.49 -23.41 -7.72
CA ALA C 70 42.60 -24.19 -6.88
C ALA C 70 42.97 -24.06 -5.39
N GLY C 71 42.12 -24.61 -4.53
CA GLY C 71 42.26 -24.45 -3.10
C GLY C 71 41.17 -23.53 -2.55
N ARG C 72 41.17 -23.38 -1.23
CA ARG C 72 40.31 -22.43 -0.53
C ARG C 72 40.82 -21.01 -0.80
N HIS C 73 39.91 -20.04 -0.86
CA HIS C 73 40.27 -18.65 -1.20
C HIS C 73 39.43 -17.64 -0.41
N MET C 74 39.98 -17.11 0.67
CA MET C 74 39.27 -16.09 1.44
C MET C 74 39.75 -14.72 1.02
N PHE C 75 38.85 -13.84 0.61
CA PHE C 75 39.23 -12.44 0.43
C PHE C 75 38.29 -11.44 1.10
N VAL C 76 38.52 -10.15 0.88
CA VAL C 76 37.71 -9.11 1.52
C VAL C 76 37.30 -8.04 0.52
N PHE C 77 36.01 -7.88 0.32
CA PHE C 77 35.52 -6.99 -0.73
C PHE C 77 34.99 -5.72 -0.11
N GLN C 78 35.54 -4.59 -0.52
CA GLN C 78 34.97 -3.31 -0.11
C GLN C 78 34.26 -2.60 -1.26
N ALA C 79 33.24 -1.81 -0.91
CA ALA C 79 32.51 -1.03 -1.90
C ALA C 79 31.94 0.24 -1.29
N ASP C 80 32.27 1.38 -1.89
CA ASP C 80 31.68 2.65 -1.50
C ASP C 80 30.17 2.64 -1.70
N ALA C 81 29.47 3.26 -0.75
CA ALA C 81 28.02 3.26 -0.72
C ALA C 81 27.43 3.90 -1.97
N PRO C 82 26.17 3.58 -2.28
CA PRO C 82 25.47 4.09 -3.45
C PRO C 82 25.19 5.58 -3.37
N ASN C 83 25.12 6.25 -4.52
CA ASN C 83 24.79 7.67 -4.58
C ASN C 83 23.33 7.93 -4.27
N PRO C 84 23.05 8.58 -3.12
CA PRO C 84 21.69 8.81 -2.65
C PRO C 84 20.90 9.65 -3.66
N GLY C 85 21.63 10.33 -4.53
CA GLY C 85 21.04 11.15 -5.59
C GLY C 85 20.21 10.37 -6.59
N LEU C 86 20.59 9.12 -6.85
CA LEU C 86 19.85 8.27 -7.78
C LEU C 86 19.21 7.05 -7.10
N ILE C 87 18.30 7.34 -6.17
CA ILE C 87 17.48 6.35 -5.50
C ILE C 87 16.08 6.97 -5.37
N PRO C 88 15.10 6.44 -6.13
CA PRO C 88 13.74 7.00 -6.15
C PRO C 88 13.21 7.36 -4.77
N ASP C 89 12.65 8.55 -4.67
CA ASP C 89 12.12 9.13 -3.44
C ASP C 89 11.33 8.14 -2.58
N ALA C 90 10.59 7.24 -3.23
CA ALA C 90 9.81 6.20 -2.56
C ALA C 90 10.68 5.06 -2.03
N ASP C 91 11.26 4.29 -2.95
CA ASP C 91 12.04 3.09 -2.62
C ASP C 91 13.32 3.39 -1.81
N ALA C 92 13.31 4.48 -1.04
CA ALA C 92 14.50 4.96 -0.34
C ALA C 92 14.58 4.44 1.09
N VAL C 93 13.74 5.00 1.96
CA VAL C 93 13.57 4.47 3.31
C VAL C 93 12.97 3.08 3.21
N GLY C 94 13.38 2.18 4.11
CA GLY C 94 12.79 0.84 4.18
C GLY C 94 13.74 -0.26 3.78
N VAL C 95 13.29 -1.17 2.90
CA VAL C 95 14.05 -2.40 2.63
C VAL C 95 14.26 -2.74 1.15
N THR C 96 15.52 -3.05 0.79
CA THR C 96 15.90 -3.52 -0.56
C THR C 96 17.04 -4.55 -0.57
N VAL C 97 17.71 -4.68 -1.71
CA VAL C 97 18.62 -5.81 -1.95
C VAL C 97 20.04 -5.34 -2.20
N VAL C 98 21.00 -6.18 -1.86
CA VAL C 98 22.39 -5.94 -2.28
C VAL C 98 22.91 -7.19 -2.93
N LEU C 99 23.45 -7.04 -4.13
CA LEU C 99 23.86 -8.20 -4.85
C LEU C 99 25.36 -8.34 -4.84
N ILE C 100 25.82 -9.55 -4.55
CA ILE C 100 27.19 -9.91 -4.83
C ILE C 100 27.16 -10.83 -6.04
N THR C 101 28.08 -10.61 -6.97
CA THR C 101 28.02 -11.28 -8.26
C THR C 101 29.40 -11.60 -8.79
N CYS C 102 29.67 -12.90 -8.94
CA CYS C 102 30.88 -13.33 -9.61
C CYS C 102 30.66 -13.72 -11.08
N THR C 103 31.40 -13.07 -11.97
CA THR C 103 31.34 -13.30 -13.42
C THR C 103 32.67 -13.95 -13.86
N TYR C 104 32.63 -15.04 -14.61
CA TYR C 104 33.88 -15.61 -15.19
C TYR C 104 33.86 -15.85 -16.68
N ARG C 105 35.01 -15.64 -17.33
CA ARG C 105 35.11 -15.70 -18.78
C ARG C 105 33.99 -14.86 -19.36
N GLY C 106 33.62 -13.80 -18.66
CA GLY C 106 32.52 -12.94 -19.06
C GLY C 106 31.13 -13.53 -18.90
N GLN C 107 31.05 -14.68 -18.23
CA GLN C 107 29.77 -15.29 -17.89
C GLN C 107 29.51 -15.11 -16.40
N GLU C 108 28.41 -14.43 -16.07
CA GLU C 108 27.94 -14.23 -14.70
C GLU C 108 27.43 -15.56 -14.15
N PHE C 109 28.08 -16.07 -13.10
CA PHE C 109 27.76 -17.44 -12.65
C PHE C 109 27.11 -17.58 -11.26
N ILE C 110 26.89 -16.45 -10.58
CA ILE C 110 26.33 -16.47 -9.24
C ILE C 110 25.82 -15.09 -8.82
N ARG C 111 24.57 -15.04 -8.38
CA ARG C 111 23.98 -13.83 -7.79
C ARG C 111 23.59 -14.07 -6.32
N VAL C 112 24.47 -13.68 -5.40
CA VAL C 112 24.11 -13.67 -3.97
C VAL C 112 23.48 -12.31 -3.62
N GLY C 113 22.21 -12.34 -3.26
CA GLY C 113 21.45 -11.12 -3.03
C GLY C 113 20.82 -11.00 -1.66
N TYR C 114 21.31 -10.05 -0.89
CA TYR C 114 20.99 -9.90 0.51
C TYR C 114 19.88 -8.91 0.70
N TYR C 115 19.10 -9.09 1.75
CA TYR C 115 18.11 -8.08 2.07
C TYR C 115 18.74 -7.04 2.96
N VAL C 116 18.43 -5.78 2.69
CA VAL C 116 18.94 -4.65 3.48
C VAL C 116 17.84 -3.72 4.02
N ASN C 117 18.00 -3.27 5.25
CA ASN C 117 17.00 -2.43 5.88
C ASN C 117 17.55 -1.08 6.30
N ASN C 118 17.17 -0.08 5.51
CA ASN C 118 17.46 1.31 5.74
C ASN C 118 16.35 1.95 6.52
N GLU C 119 16.69 2.44 7.71
CA GLU C 119 15.73 2.99 8.65
C GLU C 119 16.39 4.08 9.50
N TYR C 120 15.63 5.11 9.84
CA TYR C 120 16.10 6.13 10.79
C TYR C 120 16.06 5.53 12.18
N THR C 121 16.86 6.09 13.08
CA THR C 121 17.13 5.52 14.39
C THR C 121 16.45 6.20 15.58
N GLU C 122 16.65 7.50 15.76
CA GLU C 122 15.93 8.25 16.81
C GLU C 122 14.46 8.36 16.40
N THR C 123 13.57 7.80 17.21
CA THR C 123 12.15 7.63 16.87
C THR C 123 11.48 8.96 16.54
N GLU C 124 11.96 9.57 15.45
CA GLU C 124 11.57 10.93 15.04
C GLU C 124 11.28 11.01 13.56
N LEU C 125 12.30 11.30 12.76
CA LEU C 125 12.15 11.27 11.32
C LEU C 125 11.61 9.90 10.95
N ARG C 126 11.80 8.95 11.86
CA ARG C 126 11.14 7.65 11.79
C ARG C 126 9.63 7.88 11.82
N GLU C 127 9.14 8.47 12.90
CA GLU C 127 7.72 8.56 13.18
C GLU C 127 6.93 9.38 12.16
N ASN C 128 7.47 10.53 11.77
CA ASN C 128 6.89 11.34 10.70
C ASN C 128 7.87 11.47 9.55
N PRO C 129 7.97 10.42 8.69
CA PRO C 129 9.03 10.34 7.67
C PRO C 129 9.00 11.55 6.74
N PRO C 130 10.10 12.33 6.73
CA PRO C 130 10.17 13.58 5.98
C PRO C 130 9.95 13.38 4.48
N VAL C 131 9.37 14.40 3.85
CA VAL C 131 9.06 14.43 2.42
C VAL C 131 10.26 13.94 1.59
N LYS C 132 11.38 14.66 1.68
CA LYS C 132 12.64 14.19 1.12
C LYS C 132 13.30 13.28 2.15
N PRO C 133 13.74 12.08 1.72
CA PRO C 133 14.53 11.20 2.59
C PRO C 133 15.89 11.81 2.97
N ASP C 134 16.23 11.76 4.25
CA ASP C 134 17.51 12.28 4.74
C ASP C 134 18.45 11.16 5.16
N PHE C 135 19.56 11.05 4.44
CA PHE C 135 20.41 9.87 4.47
C PHE C 135 21.50 9.88 5.54
N SER C 136 21.96 11.07 5.94
CA SER C 136 23.02 11.21 6.94
C SER C 136 22.66 10.57 8.28
N LYS C 137 21.36 10.58 8.58
CA LYS C 137 20.81 10.02 9.82
C LYS C 137 20.02 8.74 9.52
N LEU C 138 20.50 7.96 8.57
CA LEU C 138 19.79 6.78 8.09
C LEU C 138 20.64 5.53 8.17
N GLN C 139 20.12 4.51 8.82
CA GLN C 139 20.90 3.33 9.12
C GLN C 139 20.58 2.12 8.25
N ARG C 140 21.62 1.59 7.63
CA ARG C 140 21.54 0.35 6.89
C ARG C 140 21.79 -0.83 7.85
N ASN C 141 20.83 -1.76 7.90
CA ASN C 141 21.00 -3.03 8.59
C ASN C 141 20.82 -4.18 7.61
N ILE C 142 21.89 -4.92 7.35
CA ILE C 142 21.83 -6.13 6.54
C ILE C 142 21.15 -7.25 7.33
N LEU C 143 20.25 -7.96 6.67
CA LEU C 143 19.35 -8.85 7.40
C LEU C 143 19.95 -10.17 7.80
N ALA C 144 19.50 -10.63 8.97
CA ALA C 144 19.94 -11.86 9.59
C ALA C 144 19.09 -13.03 9.12
N SER C 145 19.05 -13.21 7.80
CA SER C 145 18.31 -14.34 7.21
C SER C 145 19.16 -15.04 6.13
N ASN C 146 18.50 -15.50 5.06
CA ASN C 146 19.23 -16.15 4.00
C ASN C 146 19.38 -15.13 2.91
N PRO C 147 20.31 -15.34 1.99
CA PRO C 147 20.33 -14.60 0.75
C PRO C 147 19.78 -15.43 -0.39
N ARG C 148 19.14 -14.78 -1.35
CA ARG C 148 18.69 -15.45 -2.58
C ARG C 148 19.90 -15.74 -3.50
N VAL C 149 20.39 -16.99 -3.44
CA VAL C 149 21.44 -17.44 -4.35
C VAL C 149 20.81 -17.89 -5.65
N THR C 150 21.25 -17.35 -6.77
CA THR C 150 20.82 -17.82 -8.08
C THR C 150 22.02 -18.26 -8.91
N ARG C 151 22.36 -19.55 -8.82
CA ARG C 151 23.50 -20.12 -9.54
C ARG C 151 23.15 -20.25 -11.02
N PHE C 152 23.46 -19.22 -11.80
CA PHE C 152 23.26 -19.32 -13.24
C PHE C 152 24.04 -20.52 -13.79
N HIS C 153 23.29 -21.45 -14.38
CA HIS C 153 23.77 -22.81 -14.67
C HIS C 153 24.57 -23.01 -15.97
N ILE C 154 25.38 -22.00 -16.34
CA ILE C 154 26.25 -22.10 -17.52
C ILE C 154 27.67 -21.56 -17.26
N ASN C 155 28.67 -22.38 -17.57
CA ASN C 155 30.08 -21.99 -17.40
C ASN C 155 31.05 -22.74 -18.35
S SO4 D . -17.88 -12.54 -19.59
O1 SO4 D . -17.06 -11.30 -19.67
O2 SO4 D . -17.79 -13.08 -18.21
O3 SO4 D . -17.36 -13.56 -20.56
O4 SO4 D . -19.31 -12.24 -19.86
#